data_4HF8
#
_entry.id   4HF8
#
_cell.length_a   56.288
_cell.length_b   123.052
_cell.length_c   126.748
_cell.angle_alpha   90.00
_cell.angle_beta   90.00
_cell.angle_gamma   90.00
#
_symmetry.space_group_name_H-M   'I 2 2 2'
#
loop_
_entity.id
_entity.type
_entity.pdbx_description
1 polymer 'Methionine gamma-lyase'
2 non-polymer N-GLYCINE-[3-HYDROXY-2-METHYL-5-PHOSPHONOOXYMETHYL-PYRIDIN-4-YL-METHANE]
3 non-polymer GLYCINE
4 non-polymer DI(HYDROXYETHYL)ETHER
5 water water
#
_entity_poly.entity_id   1
_entity_poly.type   'polypeptide(L)'
_entity_poly.pdbx_seq_one_letter_code
;MSD(CSO)RTYGFNTQIVHAGQQPDPSTGALSTPIFQTSTFVFDSAEQGAARFALEESGYIYTRLGNPTTDALEKKLAVL
ERGEAGLATASGISAITTTLLTLCQQGDHIVSASAIYGCTHAFLSHSMPKFGINVRFVDAAKPEEIRAAMRPETKVVYIE
TPANPTLSLVDIETVAGIAHQQGALLVVDNTFMSPYCQQPLQLGADIVVHSVTKYINGHGDVIGGIIVGKQEFIDQARFV
GLKDITGGCMSPFNAWLTLRGVKTLGIRMERHCENALKIARFLEGHPSITRVYYPGLSSHPQYELGQRQMSLPGGIISFE
IAGGLEAGRRMINSVELCLLAVSLGDTETLIQHPASMTHSPVAPEERLKAGITDGLIRLSVGLEDPEDIINDLEHAIRKA
TF
;
_entity_poly.pdbx_strand_id   A
#
# COMPACT_ATOMS: atom_id res chain seq x y z
N SER A 2 -6.50 -23.17 -19.95
CA SER A 2 -6.87 -22.22 -18.87
C SER A 2 -5.64 -21.65 -18.14
N ASP A 3 -5.08 -20.53 -18.65
CA ASP A 3 -4.08 -19.74 -17.91
C ASP A 3 -4.25 -18.22 -17.96
N ARG A 5 -2.56 -15.81 -16.42
CA ARG A 5 -1.38 -14.96 -16.55
C ARG A 5 -1.19 -14.41 -17.97
N THR A 6 -1.96 -14.95 -18.91
CA THR A 6 -1.76 -14.67 -20.34
C THR A 6 -2.53 -13.45 -20.87
N TYR A 7 -3.73 -13.20 -20.33
CA TYR A 7 -4.59 -12.12 -20.84
C TYR A 7 -4.09 -10.73 -20.45
N GLY A 8 -4.65 -9.72 -21.10
CA GLY A 8 -4.33 -8.34 -20.82
C GLY A 8 -4.74 -7.97 -19.41
N PHE A 9 -4.21 -6.84 -18.96
CA PHE A 9 -4.20 -6.50 -17.54
C PHE A 9 -5.62 -6.31 -16.98
N ASN A 10 -6.51 -5.76 -17.81
CA ASN A 10 -7.90 -5.58 -17.37
C ASN A 10 -8.60 -6.94 -17.24
N THR A 11 -8.45 -7.78 -18.26
CA THR A 11 -8.97 -9.14 -18.18
C THR A 11 -8.51 -9.84 -16.91
N GLN A 12 -7.22 -9.71 -16.58
CA GLN A 12 -6.69 -10.27 -15.34
C GLN A 12 -7.34 -9.70 -14.05
N ILE A 13 -7.64 -8.41 -14.00
CA ILE A 13 -8.22 -7.78 -12.82
C ILE A 13 -9.56 -8.42 -12.52
N VAL A 14 -10.33 -8.62 -13.59
CA VAL A 14 -11.63 -9.28 -13.51
C VAL A 14 -11.56 -10.79 -13.26
N HIS A 15 -10.66 -11.48 -13.95
CA HIS A 15 -10.72 -12.96 -13.96
C HIS A 15 -9.72 -13.72 -13.12
N ALA A 16 -8.47 -13.28 -13.08
CA ALA A 16 -7.41 -14.04 -12.45
C ALA A 16 -7.67 -14.47 -10.98
N GLY A 17 -7.37 -15.72 -10.61
CA GLY A 17 -7.60 -16.25 -9.24
C GLY A 17 -9.01 -16.81 -9.04
N GLN A 18 -9.91 -16.43 -9.96
CA GLN A 18 -11.33 -16.74 -9.90
C GLN A 18 -11.81 -17.69 -11.04
N GLN A 19 -12.76 -18.52 -10.69
CA GLN A 19 -13.34 -19.44 -11.66
C GLN A 19 -14.71 -19.77 -11.07
N PRO A 20 -15.67 -20.13 -11.93
CA PRO A 20 -16.95 -20.47 -11.33
C PRO A 20 -16.84 -21.69 -10.38
N ASP A 21 -17.59 -21.66 -9.28
CA ASP A 21 -17.58 -22.74 -8.28
C ASP A 21 -17.79 -24.10 -8.89
N PRO A 22 -16.88 -25.06 -8.68
CA PRO A 22 -16.96 -26.33 -9.44
C PRO A 22 -18.18 -27.18 -9.13
N SER A 23 -18.65 -27.24 -7.89
CA SER A 23 -19.83 -28.09 -7.70
C SER A 23 -21.18 -27.41 -7.99
N THR A 24 -21.22 -26.10 -8.17
CA THR A 24 -22.50 -25.47 -8.47
C THR A 24 -22.55 -24.60 -9.74
N GLY A 25 -21.42 -24.06 -10.20
CA GLY A 25 -21.42 -23.09 -11.31
C GLY A 25 -21.56 -21.63 -10.85
N ALA A 26 -21.83 -21.43 -9.54
CA ALA A 26 -21.95 -20.06 -8.96
C ALA A 26 -20.83 -19.16 -9.46
N LEU A 27 -21.20 -18.09 -10.16
CA LEU A 27 -20.17 -17.24 -10.73
C LEU A 27 -19.44 -16.34 -9.69
N SER A 28 -20.17 -15.75 -8.73
CA SER A 28 -19.49 -15.00 -7.67
C SER A 28 -18.75 -16.01 -6.86
N THR A 29 -17.50 -15.69 -6.51
CA THR A 29 -16.71 -16.50 -5.56
C THR A 29 -17.48 -16.62 -4.25
N PRO A 30 -17.79 -17.85 -3.82
CA PRO A 30 -18.57 -18.01 -2.59
C PRO A 30 -17.78 -17.49 -1.40
N ILE A 31 -18.48 -16.92 -0.41
CA ILE A 31 -17.87 -16.59 0.88
C ILE A 31 -17.78 -17.90 1.68
N PHE A 32 -16.57 -18.50 1.75
CA PHE A 32 -16.37 -19.64 2.65
C PHE A 32 -16.13 -19.17 4.07
N GLN A 33 -17.16 -18.57 4.68
CA GLN A 33 -17.11 -18.10 6.06
C GLN A 33 -17.23 -19.36 6.89
N THR A 34 -16.09 -20.04 7.08
CA THR A 34 -16.03 -21.20 7.91
C THR A 34 -14.74 -21.04 8.72
N SER A 35 -14.72 -21.55 9.94
CA SER A 35 -13.45 -21.72 10.63
C SER A 35 -12.79 -23.03 10.21
N THR A 36 -13.58 -24.10 10.09
CA THR A 36 -12.94 -25.38 9.87
C THR A 36 -13.34 -26.11 8.61
N PHE A 37 -12.53 -27.11 8.28
CA PHE A 37 -12.76 -27.90 7.07
C PHE A 37 -12.85 -29.33 7.46
N VAL A 38 -13.58 -30.13 6.67
CA VAL A 38 -13.82 -31.54 6.95
C VAL A 38 -13.05 -32.49 6.02
N PHE A 39 -12.27 -33.41 6.60
CA PHE A 39 -11.52 -34.38 5.81
C PHE A 39 -12.40 -35.57 5.67
N ASP A 40 -12.26 -36.26 4.56
CA ASP A 40 -13.03 -37.48 4.37
C ASP A 40 -12.26 -38.72 4.85
N SER A 41 -10.98 -38.57 5.18
CA SER A 41 -10.28 -39.68 5.82
C SER A 41 -9.27 -39.21 6.85
N ALA A 42 -8.95 -40.10 7.78
CA ALA A 42 -7.89 -39.85 8.72
C ALA A 42 -6.58 -39.58 8.01
N GLU A 43 -6.26 -40.43 7.02
CA GLU A 43 -4.97 -40.35 6.29
C GLU A 43 -4.82 -39.11 5.43
N GLN A 44 -5.90 -38.72 4.74
CA GLN A 44 -6.02 -37.40 4.08
C GLN A 44 -5.83 -36.18 5.02
N GLY A 45 -6.30 -36.28 6.26
CA GLY A 45 -6.07 -35.24 7.27
C GLY A 45 -4.61 -35.15 7.65
N ALA A 46 -3.91 -36.29 7.61
CA ALA A 46 -2.48 -36.35 7.95
C ALA A 46 -1.64 -35.91 6.77
N ALA A 47 -2.09 -36.30 5.57
CA ALA A 47 -1.44 -35.86 4.35
C ALA A 47 -1.33 -34.33 4.32
N ARG A 48 -2.49 -33.65 4.36
CA ARG A 48 -2.56 -32.17 4.33
C ARG A 48 -1.74 -31.50 5.41
N PHE A 49 -1.76 -32.06 6.59
CA PHE A 49 -1.19 -31.45 7.76
C PHE A 49 0.33 -31.45 7.79
N ALA A 50 0.96 -32.36 7.07
CA ALA A 50 2.39 -32.39 7.09
C ALA A 50 2.91 -31.62 5.93
N LEU A 51 2.02 -30.85 5.31
CA LEU A 51 2.20 -30.38 3.95
C LEU A 51 2.63 -31.54 3.08
N GLU A 52 1.72 -32.43 2.74
CA GLU A 52 2.01 -33.52 1.81
C GLU A 52 0.94 -33.65 0.72
N GLU A 53 -0.08 -32.82 0.73
CA GLU A 53 -1.16 -32.90 -0.26
C GLU A 53 -2.01 -31.65 -0.16
N SER A 54 -2.82 -31.39 -1.18
CA SER A 54 -3.72 -30.23 -1.12
C SER A 54 -5.13 -30.70 -0.76
N GLY A 55 -5.95 -29.85 -0.15
CA GLY A 55 -5.62 -28.44 0.11
C GLY A 55 -5.96 -27.88 1.48
N TYR A 56 -7.25 -27.65 1.74
CA TYR A 56 -7.67 -26.84 2.94
C TYR A 56 -7.69 -27.59 4.29
N ILE A 57 -7.29 -26.92 5.34
CA ILE A 57 -7.32 -27.44 6.69
C ILE A 57 -8.09 -26.53 7.66
N TYR A 58 -7.85 -25.24 7.68
CA TYR A 58 -8.38 -24.36 8.70
C TYR A 58 -8.07 -22.91 8.35
N THR A 59 -9.04 -22.05 8.55
CA THR A 59 -8.98 -20.70 8.03
C THR A 59 -7.75 -19.81 8.41
N ARG A 60 -7.15 -20.02 9.56
CA ARG A 60 -5.95 -19.28 9.90
C ARG A 60 -4.86 -19.61 8.89
N LEU A 61 -4.83 -20.87 8.48
CA LEU A 61 -3.82 -21.44 7.53
C LEU A 61 -4.06 -21.16 6.05
N GLY A 62 -5.31 -21.27 5.61
CA GLY A 62 -5.69 -20.90 4.26
C GLY A 62 -7.18 -21.09 4.08
N ASN A 63 -7.75 -20.58 2.98
CA ASN A 63 -9.21 -20.61 2.77
C ASN A 63 -9.47 -20.38 1.28
N PRO A 64 -10.51 -21.01 0.71
CA PRO A 64 -10.66 -20.90 -0.75
C PRO A 64 -11.01 -19.48 -1.24
N THR A 65 -11.80 -18.72 -0.47
CA THR A 65 -12.04 -17.29 -0.75
C THR A 65 -10.79 -16.42 -0.70
N THR A 66 -9.99 -16.61 0.35
CA THR A 66 -8.78 -15.83 0.53
C THR A 66 -7.74 -16.21 -0.56
N ASP A 67 -7.66 -17.51 -0.86
CA ASP A 67 -6.86 -18.11 -1.93
C ASP A 67 -7.04 -17.44 -3.30
N ALA A 68 -8.30 -17.21 -3.67
CA ALA A 68 -8.58 -16.50 -4.95
C ALA A 68 -7.94 -15.12 -4.95
N LEU A 69 -8.19 -14.33 -3.90
CA LEU A 69 -7.62 -13.00 -3.78
C LEU A 69 -6.10 -13.00 -3.84
N GLU A 70 -5.52 -13.94 -3.12
CA GLU A 70 -4.10 -14.14 -3.16
C GLU A 70 -3.57 -14.53 -4.54
N LYS A 71 -4.29 -15.35 -5.30
CA LYS A 71 -3.84 -15.76 -6.61
C LYS A 71 -3.99 -14.56 -7.55
N LYS A 72 -5.14 -13.90 -7.47
CA LYS A 72 -5.33 -12.62 -8.22
C LYS A 72 -4.17 -11.65 -8.07
N LEU A 73 -3.82 -11.33 -6.82
CA LEU A 73 -2.91 -10.23 -6.59
C LEU A 73 -1.48 -10.61 -7.01
N ALA A 74 -1.15 -11.88 -6.83
CA ALA A 74 0.08 -12.48 -7.30
C ALA A 74 0.19 -12.32 -8.82
N VAL A 75 -0.90 -12.66 -9.51
CA VAL A 75 -0.97 -12.46 -10.93
C VAL A 75 -0.75 -10.98 -11.33
N LEU A 76 -1.43 -10.03 -10.65
CA LEU A 76 -1.39 -8.60 -11.04
C LEU A 76 -0.05 -7.96 -10.76
N GLU A 77 0.61 -8.44 -9.71
CA GLU A 77 1.94 -8.00 -9.36
C GLU A 77 3.09 -8.75 -10.02
N ARG A 78 2.75 -9.78 -10.81
CA ARG A 78 3.71 -10.68 -11.41
C ARG A 78 4.59 -11.38 -10.36
N GLY A 79 3.97 -11.83 -9.27
CA GLY A 79 4.71 -12.51 -8.24
C GLY A 79 4.38 -13.95 -8.33
N GLU A 80 5.02 -14.79 -7.51
CA GLU A 80 4.70 -16.21 -7.58
C GLU A 80 3.48 -16.52 -6.74
N ALA A 81 3.38 -15.89 -5.56
CA ALA A 81 2.30 -16.15 -4.66
C ALA A 81 1.98 -14.97 -3.76
N GLY A 82 0.86 -15.12 -3.09
CA GLY A 82 0.29 -14.08 -2.26
C GLY A 82 -0.14 -14.69 -0.95
N LEU A 83 -0.28 -13.80 0.03
CA LEU A 83 -0.72 -14.09 1.35
C LEU A 83 -1.45 -12.83 1.90
N ALA A 84 -2.75 -12.99 2.14
CA ALA A 84 -3.57 -11.96 2.71
C ALA A 84 -3.48 -11.94 4.23
N THR A 85 -3.83 -10.80 4.83
CA THR A 85 -3.55 -10.48 6.21
C THR A 85 -4.62 -9.54 6.72
N ALA A 86 -4.72 -9.42 8.04
CA ALA A 86 -5.75 -8.60 8.71
C ALA A 86 -5.65 -7.10 8.41
N SER A 87 -4.45 -6.64 8.15
CA SER A 87 -4.17 -5.26 7.92
C SER A 87 -2.92 -5.18 7.07
N GLY A 88 -2.74 -4.01 6.46
CA GLY A 88 -1.50 -3.66 5.75
C GLY A 88 -0.34 -3.62 6.72
N ILE A 89 -0.59 -3.17 7.95
CA ILE A 89 0.46 -3.22 8.94
C ILE A 89 0.87 -4.69 9.15
N SER A 90 -0.11 -5.57 9.20
CA SER A 90 0.19 -6.98 9.38
C SER A 90 0.87 -7.60 8.15
N ALA A 91 0.65 -7.05 6.97
CA ALA A 91 1.41 -7.50 5.80
C ALA A 91 2.92 -7.13 5.95
N ILE A 92 3.20 -5.93 6.45
CA ILE A 92 4.57 -5.48 6.70
C ILE A 92 5.23 -6.23 7.86
N THR A 93 4.62 -6.21 9.06
CA THR A 93 5.26 -6.92 10.19
C THR A 93 5.37 -8.43 9.94
N THR A 94 4.34 -9.05 9.34
CA THR A 94 4.42 -10.49 9.05
C THR A 94 5.57 -10.76 8.11
N THR A 95 5.75 -9.91 7.12
CA THR A 95 6.96 -9.97 6.28
C THR A 95 8.30 -9.84 7.09
N LEU A 96 8.49 -8.75 7.78
CA LEU A 96 9.80 -8.48 8.36
C LEU A 96 10.10 -9.36 9.56
N LEU A 97 9.10 -9.65 10.39
CA LEU A 97 9.24 -10.63 11.46
C LEU A 97 9.40 -12.05 10.93
N THR A 98 8.98 -12.30 9.70
CA THR A 98 9.32 -13.59 9.07
C THR A 98 10.81 -13.60 8.67
N LEU A 99 11.28 -12.48 8.11
CA LEU A 99 12.64 -12.41 7.60
C LEU A 99 13.72 -12.11 8.65
N CYS A 100 13.34 -11.71 9.86
CA CYS A 100 14.34 -11.14 10.81
C CYS A 100 14.39 -11.74 12.20
N GLN A 101 15.60 -12.04 12.66
CA GLN A 101 15.80 -12.37 14.06
C GLN A 101 16.65 -11.30 14.73
N GLN A 102 16.78 -11.38 16.06
CA GLN A 102 17.65 -10.49 16.83
C GLN A 102 19.05 -10.46 16.27
N GLY A 103 19.63 -9.26 16.18
CA GLY A 103 20.91 -9.10 15.54
C GLY A 103 20.87 -8.65 14.09
N ASP A 104 19.73 -8.80 13.42
CA ASP A 104 19.63 -8.34 12.04
C ASP A 104 19.43 -6.85 11.94
N HIS A 105 19.68 -6.33 10.75
CA HIS A 105 19.54 -4.93 10.43
C HIS A 105 18.59 -4.71 9.30
N ILE A 106 17.83 -3.63 9.43
CA ILE A 106 17.04 -3.09 8.31
C ILE A 106 17.48 -1.69 7.97
N VAL A 107 17.40 -1.38 6.67
CA VAL A 107 17.55 -0.02 6.17
C VAL A 107 16.18 0.33 5.62
N SER A 108 15.67 1.50 6.03
CA SER A 108 14.35 1.93 5.68
C SER A 108 14.34 3.35 5.16
N ALA A 109 13.41 3.60 4.25
CA ALA A 109 13.08 4.95 3.92
C ALA A 109 12.65 5.62 5.23
N SER A 110 12.89 6.91 5.32
CA SER A 110 12.38 7.71 6.42
C SER A 110 10.97 8.06 6.04
N ALA A 111 10.76 8.34 4.76
CA ALA A 111 9.48 8.90 4.35
C ALA A 111 8.49 7.76 4.04
N ILE A 112 7.94 7.22 5.13
CA ILE A 112 6.99 6.12 5.11
C ILE A 112 5.75 6.43 5.98
N TYR A 113 4.78 5.51 6.00
CA TYR A 113 3.57 5.66 6.83
C TYR A 113 3.88 5.55 8.33
N GLY A 114 3.32 6.49 9.09
CA GLY A 114 3.65 6.74 10.49
C GLY A 114 3.61 5.52 11.36
N CYS A 115 2.58 4.68 11.19
CA CYS A 115 2.47 3.43 11.92
C CYS A 115 3.56 2.44 11.53
N THR A 116 3.95 2.43 10.25
CA THR A 116 5.15 1.67 9.88
C THR A 116 6.41 2.23 10.60
N HIS A 117 6.63 3.55 10.49
CA HIS A 117 7.67 4.24 11.25
C HIS A 117 7.75 3.82 12.70
N ALA A 118 6.64 3.77 13.44
CA ALA A 118 6.74 3.43 14.86
C ALA A 118 7.15 1.98 15.10
N PHE A 119 6.54 1.05 14.37
CA PHE A 119 6.99 -0.36 14.41
C PHE A 119 8.53 -0.48 14.29
N LEU A 120 9.08 0.14 13.25
CA LEU A 120 10.51 0.20 13.03
C LEU A 120 11.29 1.03 14.07
N SER A 121 10.72 2.15 14.50
CA SER A 121 11.39 3.00 15.48
C SER A 121 11.46 2.35 16.85
N HIS A 122 10.29 2.04 17.44
CA HIS A 122 10.22 1.68 18.86
C HIS A 122 10.04 0.22 19.13
N SER A 123 9.48 -0.50 18.16
CA SER A 123 9.18 -1.92 18.37
C SER A 123 10.23 -2.86 17.81
N MET A 124 10.72 -2.63 16.58
CA MET A 124 11.73 -3.56 16.02
C MET A 124 12.96 -3.70 16.92
N PRO A 125 13.49 -2.57 17.45
CA PRO A 125 14.73 -2.74 18.19
C PRO A 125 14.54 -3.50 19.51
N LYS A 126 13.30 -3.60 20.00
CA LYS A 126 13.08 -4.29 21.29
C LYS A 126 13.25 -5.81 21.14
N PHE A 127 13.18 -6.29 19.91
CA PHE A 127 13.45 -7.68 19.63
C PHE A 127 14.89 -7.84 19.17
N GLY A 128 15.69 -6.80 19.37
CA GLY A 128 17.08 -6.83 18.98
C GLY A 128 17.24 -6.82 17.48
N ILE A 129 16.32 -6.15 16.79
CA ILE A 129 16.44 -5.95 15.35
C ILE A 129 16.59 -4.44 15.07
N ASN A 130 17.76 -4.05 14.56
CA ASN A 130 18.02 -2.62 14.34
C ASN A 130 17.63 -2.11 13.00
N VAL A 131 17.26 -0.84 12.97
CA VAL A 131 16.74 -0.21 11.78
C VAL A 131 17.44 1.11 11.64
N ARG A 132 17.83 1.40 10.41
CA ARG A 132 18.49 2.64 10.14
C ARG A 132 17.65 3.30 9.07
N PHE A 133 17.40 4.59 9.31
CA PHE A 133 16.59 5.45 8.47
C PHE A 133 17.39 6.42 7.63
N VAL A 134 17.01 6.47 6.35
CA VAL A 134 17.74 7.17 5.28
C VAL A 134 16.73 7.91 4.38
N ASP A 135 17.16 8.93 3.64
CA ASP A 135 16.29 9.52 2.61
C ASP A 135 16.41 8.63 1.36
N ALA A 136 15.40 7.78 1.18
CA ALA A 136 15.50 6.75 0.15
C ALA A 136 15.54 7.35 -1.25
N ALA A 137 15.33 8.66 -1.34
CA ALA A 137 15.30 9.40 -2.62
C ALA A 137 16.72 9.56 -3.12
N LYS A 138 17.67 9.42 -2.20
CA LYS A 138 19.09 9.52 -2.48
C LYS A 138 19.71 8.14 -2.22
N PRO A 139 19.72 7.27 -3.26
CA PRO A 139 20.12 5.87 -3.16
C PRO A 139 21.53 5.65 -2.62
N GLU A 140 22.38 6.67 -2.68
CA GLU A 140 23.68 6.56 -2.03
C GLU A 140 23.51 6.44 -0.51
N GLU A 141 22.58 7.20 0.07
CA GLU A 141 22.31 7.08 1.50
C GLU A 141 21.97 5.65 1.87
N ILE A 142 21.30 4.95 0.94
CA ILE A 142 20.90 3.54 1.14
C ILE A 142 22.13 2.65 1.16
N ARG A 143 23.03 2.88 0.21
CA ARG A 143 24.28 2.16 0.17
C ARG A 143 25.12 2.37 1.45
N ALA A 144 25.18 3.64 1.88
CA ALA A 144 26.03 4.09 2.98
C ALA A 144 25.66 3.50 4.33
N ALA A 145 24.41 3.04 4.45
CA ALA A 145 23.87 2.53 5.72
C ALA A 145 23.81 1.01 5.80
N MET A 146 24.08 0.34 4.70
CA MET A 146 24.13 -1.12 4.68
C MET A 146 25.23 -1.68 5.59
N ARG A 147 25.00 -2.89 6.13
CA ARG A 147 25.93 -3.56 7.03
C ARG A 147 25.96 -5.02 6.70
N PRO A 148 26.95 -5.74 7.24
CA PRO A 148 26.97 -7.17 6.97
C PRO A 148 25.70 -7.86 7.47
N GLU A 149 25.12 -7.38 8.55
CA GLU A 149 23.90 -8.02 9.08
C GLU A 149 22.60 -7.47 8.48
N THR A 150 22.71 -6.54 7.53
CA THR A 150 21.52 -6.04 6.81
C THR A 150 20.78 -7.12 5.96
N LYS A 151 19.57 -7.47 6.40
CA LYS A 151 18.78 -8.50 5.75
C LYS A 151 17.77 -7.91 4.75
N VAL A 152 17.33 -6.69 5.00
CA VAL A 152 16.24 -6.13 4.25
C VAL A 152 16.42 -4.63 4.08
N VAL A 153 16.10 -4.15 2.87
CA VAL A 153 15.86 -2.74 2.59
C VAL A 153 14.35 -2.49 2.33
N TYR A 154 13.81 -1.46 2.97
CA TYR A 154 12.38 -1.23 2.95
C TYR A 154 12.01 0.13 2.40
N ILE A 155 11.10 0.17 1.42
CA ILE A 155 10.66 1.45 0.86
C ILE A 155 9.17 1.52 0.49
N GLU A 156 8.70 2.77 0.40
CA GLU A 156 7.43 3.21 -0.15
C GLU A 156 7.63 4.17 -1.31
N THR A 157 6.93 3.96 -2.42
CA THR A 157 6.95 4.89 -3.55
C THR A 157 5.70 5.00 -4.41
N PRO A 158 5.08 6.16 -4.40
CA PRO A 158 5.60 7.37 -3.78
C PRO A 158 5.49 7.43 -2.29
N ALA A 159 6.23 8.32 -1.66
CA ALA A 159 6.31 8.29 -0.22
C ALA A 159 5.11 9.02 0.40
N ASN A 160 4.31 8.22 1.12
CA ASN A 160 3.07 8.64 1.76
C ASN A 160 2.86 10.15 1.96
N PRO A 161 3.70 10.82 2.75
CA PRO A 161 3.38 12.23 2.98
C PRO A 161 3.55 13.17 1.75
N THR A 162 4.75 13.22 1.19
CA THR A 162 5.26 14.25 0.29
C THR A 162 5.19 13.89 -1.19
N LEU A 163 4.94 12.63 -1.47
CA LEU A 163 4.91 12.07 -2.80
C LEU A 163 6.23 12.19 -3.54
N SER A 164 7.30 12.15 -2.80
CA SER A 164 8.61 11.95 -3.35
C SER A 164 8.75 10.53 -3.89
N LEU A 165 9.68 10.29 -4.77
CA LEU A 165 9.77 8.92 -5.28
C LEU A 165 11.04 8.20 -4.90
N VAL A 166 11.05 6.88 -5.12
CA VAL A 166 12.24 6.08 -4.87
C VAL A 166 12.44 5.26 -6.10
N ASP A 167 13.66 5.30 -6.63
CA ASP A 167 13.96 4.57 -7.83
C ASP A 167 14.14 3.10 -7.48
N ILE A 168 13.20 2.29 -7.91
CA ILE A 168 13.12 0.92 -7.45
C ILE A 168 14.24 0.11 -8.07
N GLU A 169 14.37 0.17 -9.39
CA GLU A 169 15.41 -0.59 -10.05
C GLU A 169 16.81 -0.30 -9.45
N THR A 170 17.12 0.98 -9.18
CA THR A 170 18.41 1.40 -8.63
C THR A 170 18.59 0.90 -7.20
N VAL A 171 17.50 0.91 -6.45
CA VAL A 171 17.48 0.43 -5.09
C VAL A 171 17.51 -1.09 -5.08
N ALA A 172 16.81 -1.71 -6.01
CA ALA A 172 16.93 -3.19 -6.17
C ALA A 172 18.38 -3.66 -6.23
N GLY A 173 19.18 -3.02 -7.10
CA GLY A 173 20.56 -3.42 -7.36
C GLY A 173 21.56 -3.23 -6.23
N ILE A 174 21.45 -2.11 -5.52
CA ILE A 174 22.18 -1.88 -4.26
C ILE A 174 21.85 -2.95 -3.22
N ALA A 175 20.56 -3.07 -2.87
CA ALA A 175 20.15 -4.10 -1.90
C ALA A 175 20.68 -5.50 -2.29
N HIS A 176 20.54 -5.87 -3.58
CA HIS A 176 20.98 -7.21 -4.08
C HIS A 176 22.44 -7.46 -4.13
N GLN A 177 23.18 -6.50 -4.65
CA GLN A 177 24.63 -6.51 -4.64
C GLN A 177 25.17 -6.88 -3.25
N GLN A 178 24.56 -6.29 -2.23
CA GLN A 178 24.96 -6.48 -0.84
C GLN A 178 24.23 -7.62 -0.11
N GLY A 179 23.72 -8.61 -0.83
CA GLY A 179 22.98 -9.70 -0.18
C GLY A 179 21.65 -9.44 0.56
N ALA A 180 20.94 -8.34 0.27
CA ALA A 180 19.66 -8.08 0.92
C ALA A 180 18.47 -8.18 -0.02
N LEU A 181 17.30 -8.45 0.56
CA LEU A 181 16.02 -8.40 -0.16
C LEU A 181 15.51 -6.96 -0.16
N LEU A 182 14.93 -6.52 -1.30
CA LEU A 182 14.10 -5.33 -1.34
C LEU A 182 12.63 -5.67 -1.04
N VAL A 183 12.02 -4.88 -0.15
CA VAL A 183 10.61 -4.96 0.17
C VAL A 183 10.01 -3.61 -0.18
N VAL A 184 9.00 -3.62 -1.05
CA VAL A 184 8.40 -2.39 -1.49
C VAL A 184 6.95 -2.36 -1.10
N ASP A 185 6.53 -1.32 -0.36
CA ASP A 185 5.12 -1.08 -0.07
C ASP A 185 4.52 -0.40 -1.30
N ASN A 186 3.69 -1.13 -2.01
CA ASN A 186 3.10 -0.63 -3.23
C ASN A 186 1.67 -0.09 -3.06
N THR A 187 1.36 0.47 -1.90
CA THR A 187 -0.02 0.79 -1.52
C THR A 187 -0.56 2.01 -2.28
N PHE A 188 0.22 3.07 -2.35
CA PHE A 188 -0.26 4.28 -3.02
C PHE A 188 -0.56 4.10 -4.50
N MET A 189 0.18 3.21 -5.14
CA MET A 189 -0.15 2.76 -6.49
C MET A 189 -0.82 1.43 -6.25
N SER A 190 -1.63 0.93 -7.14
CA SER A 190 -1.90 -0.49 -7.01
C SER A 190 -0.87 -1.09 -7.98
N PRO A 191 -0.97 -2.39 -8.30
CA PRO A 191 -0.19 -2.96 -9.42
C PRO A 191 -0.68 -2.48 -10.78
N TYR A 192 -1.89 -1.90 -10.84
CA TYR A 192 -2.34 -1.30 -12.13
C TYR A 192 -1.40 -0.10 -12.54
N CYS A 193 -0.72 0.49 -11.56
CA CYS A 193 0.05 1.70 -11.78
C CYS A 193 1.58 1.50 -11.72
N GLN A 194 2.01 0.62 -10.81
CA GLN A 194 3.39 0.30 -10.55
C GLN A 194 3.54 -1.20 -10.18
N GLN A 195 4.56 -1.86 -10.74
CA GLN A 195 4.79 -3.28 -10.50
C GLN A 195 6.22 -3.48 -9.99
N PRO A 196 6.45 -3.30 -8.69
CA PRO A 196 7.86 -3.27 -8.20
C PRO A 196 8.65 -4.54 -8.47
N LEU A 197 7.97 -5.67 -8.34
CA LEU A 197 8.56 -6.94 -8.70
C LEU A 197 9.17 -6.93 -10.10
N GLN A 198 8.48 -6.39 -11.10
CA GLN A 198 9.07 -6.28 -12.46
C GLN A 198 10.33 -5.39 -12.49
N LEU A 199 10.43 -4.45 -11.56
CA LEU A 199 11.63 -3.62 -11.42
C LEU A 199 12.76 -4.22 -10.61
N GLY A 200 12.64 -5.49 -10.21
CA GLY A 200 13.65 -6.09 -9.36
C GLY A 200 13.47 -6.21 -7.84
N ALA A 201 12.47 -5.53 -7.25
CA ALA A 201 12.05 -5.83 -5.85
C ALA A 201 11.77 -7.32 -5.58
N ASP A 202 11.97 -7.78 -4.34
CA ASP A 202 11.69 -9.20 -3.98
C ASP A 202 10.28 -9.41 -3.39
N ILE A 203 9.86 -8.47 -2.54
CA ILE A 203 8.58 -8.57 -1.91
C ILE A 203 7.82 -7.27 -2.09
N VAL A 204 6.53 -7.41 -2.46
CA VAL A 204 5.56 -6.31 -2.44
C VAL A 204 4.48 -6.52 -1.36
N VAL A 205 4.24 -5.48 -0.57
CA VAL A 205 3.16 -5.46 0.39
C VAL A 205 2.17 -4.37 0.02
N HIS A 206 0.91 -4.56 0.37
CA HIS A 206 -0.09 -3.53 0.17
C HIS A 206 -0.98 -3.51 1.37
N SER A 207 -1.37 -2.31 1.80
CA SER A 207 -2.65 -2.17 2.49
C SER A 207 -3.76 -2.31 1.42
N VAL A 208 -4.41 -3.47 1.32
CA VAL A 208 -5.53 -3.61 0.38
C VAL A 208 -6.69 -2.75 0.81
N THR A 209 -6.59 -2.15 2.01
CA THR A 209 -7.57 -1.18 2.54
C THR A 209 -7.76 0.02 1.64
N LYS A 210 -6.68 0.38 0.97
CA LYS A 210 -6.66 1.58 0.17
C LYS A 210 -7.27 1.28 -1.19
N TYR A 211 -6.56 1.54 -2.27
CA TYR A 211 -7.08 1.29 -3.62
C TYR A 211 -7.54 -0.11 -3.98
N ILE A 212 -6.80 -1.15 -3.57
CA ILE A 212 -7.12 -2.50 -4.07
C ILE A 212 -8.56 -2.93 -3.75
N ASN A 213 -8.97 -2.75 -2.49
CA ASN A 213 -10.38 -2.88 -2.12
C ASN A 213 -11.18 -1.68 -2.62
N GLY A 214 -10.66 -0.47 -2.41
CA GLY A 214 -11.15 0.73 -3.06
C GLY A 214 -12.46 1.28 -2.53
N HIS A 215 -13.06 0.60 -1.58
CA HIS A 215 -14.39 0.99 -1.13
C HIS A 215 -14.61 1.40 0.33
N GLY A 216 -13.51 1.50 1.08
CA GLY A 216 -13.54 2.18 2.38
C GLY A 216 -14.27 1.43 3.45
N ASP A 217 -14.35 0.11 3.29
CA ASP A 217 -15.12 -0.76 4.19
C ASP A 217 -14.37 -2.06 4.49
N VAL A 218 -13.14 -2.17 3.97
CA VAL A 218 -12.28 -3.28 4.36
C VAL A 218 -10.99 -2.75 4.97
N ILE A 219 -10.55 -3.35 6.11
CA ILE A 219 -9.17 -3.25 6.61
C ILE A 219 -8.48 -4.58 6.21
N GLY A 220 -7.37 -4.49 5.44
CA GLY A 220 -6.71 -5.72 4.95
C GLY A 220 -5.36 -5.47 4.31
N GLY A 221 -4.58 -6.53 4.12
CA GLY A 221 -3.30 -6.35 3.57
C GLY A 221 -2.95 -7.54 2.76
N ILE A 222 -1.90 -7.45 1.97
CA ILE A 222 -1.57 -8.56 1.10
C ILE A 222 -0.07 -8.61 0.89
N ILE A 223 0.48 -9.81 0.85
CA ILE A 223 1.91 -9.95 0.64
C ILE A 223 2.10 -10.71 -0.67
N VAL A 224 3.02 -10.22 -1.51
CA VAL A 224 3.35 -10.87 -2.76
C VAL A 224 4.89 -11.06 -2.96
N GLY A 225 5.24 -12.27 -3.38
CA GLY A 225 6.63 -12.66 -3.48
C GLY A 225 6.73 -14.12 -3.93
N LYS A 226 7.98 -14.58 -3.99
CA LYS A 226 8.34 -15.94 -4.41
C LYS A 226 7.64 -16.90 -3.52
N GLN A 227 7.35 -18.08 -4.06
CA GLN A 227 6.66 -19.13 -3.33
C GLN A 227 7.36 -19.50 -2.01
N GLU A 228 8.69 -19.66 -2.05
CA GLU A 228 9.48 -20.10 -0.87
C GLU A 228 9.37 -19.14 0.31
N PHE A 229 9.50 -17.84 0.03
CA PHE A 229 9.25 -16.83 1.07
C PHE A 229 7.78 -16.84 1.53
N ILE A 230 6.84 -16.73 0.59
CA ILE A 230 5.42 -16.78 0.95
C ILE A 230 5.06 -17.98 1.88
N ASP A 231 5.44 -19.20 1.53
CA ASP A 231 5.23 -20.37 2.39
C ASP A 231 5.70 -20.13 3.85
N GLN A 232 6.85 -19.49 4.03
CA GLN A 232 7.32 -19.18 5.37
C GLN A 232 6.43 -18.09 6.02
N ALA A 233 6.16 -17.02 5.28
CA ALA A 233 5.29 -15.94 5.74
C ALA A 233 3.99 -16.47 6.26
N ARG A 234 3.51 -17.53 5.64
CA ARG A 234 2.22 -18.20 5.96
C ARG A 234 2.29 -19.22 7.14
N PHE A 235 3.03 -20.32 6.93
CA PHE A 235 3.22 -21.39 7.90
C PHE A 235 4.08 -21.04 9.15
N VAL A 236 4.73 -19.88 9.14
CA VAL A 236 5.40 -19.41 10.34
C VAL A 236 4.93 -18.01 10.78
N GLY A 237 5.20 -17.01 9.94
CA GLY A 237 4.94 -15.62 10.27
C GLY A 237 3.50 -15.35 10.62
N LEU A 238 2.58 -15.83 9.80
CA LEU A 238 1.15 -15.64 10.07
C LEU A 238 0.61 -16.72 11.01
N LYS A 239 0.91 -17.99 10.71
CA LYS A 239 0.46 -19.12 11.53
C LYS A 239 0.92 -18.96 12.97
N ASP A 240 2.15 -18.50 13.16
CA ASP A 240 2.78 -18.56 14.48
C ASP A 240 2.98 -17.22 15.15
N ILE A 241 3.34 -16.19 14.37
CA ILE A 241 3.84 -14.97 14.96
C ILE A 241 2.85 -13.80 15.12
N THR A 242 2.28 -13.31 14.01
CA THR A 242 1.37 -12.19 14.10
C THR A 242 -0.04 -12.72 14.25
N GLY A 243 -0.23 -13.94 13.74
CA GLY A 243 -1.55 -14.46 13.51
C GLY A 243 -2.55 -13.53 12.84
N GLY A 244 -2.11 -12.57 12.04
CA GLY A 244 -3.01 -11.65 11.34
C GLY A 244 -3.65 -12.18 10.07
N CYS A 245 -4.48 -13.22 10.18
CA CYS A 245 -5.19 -13.76 9.01
C CYS A 245 -6.41 -12.91 8.70
N MET A 246 -6.84 -12.98 7.42
CA MET A 246 -7.93 -12.19 6.87
C MET A 246 -9.27 -12.98 6.92
N SER A 247 -10.33 -12.37 7.42
CA SER A 247 -11.71 -12.87 7.32
C SER A 247 -12.04 -13.22 5.87
N PRO A 248 -12.68 -14.37 5.63
CA PRO A 248 -13.04 -14.66 4.22
C PRO A 248 -14.04 -13.67 3.64
N PHE A 249 -14.84 -13.05 4.52
CA PHE A 249 -15.71 -11.91 4.15
C PHE A 249 -14.88 -10.73 3.66
N ASN A 250 -13.84 -10.36 4.43
CA ASN A 250 -12.96 -9.31 4.01
C ASN A 250 -12.30 -9.59 2.68
N ALA A 251 -11.92 -10.88 2.45
CA ALA A 251 -11.34 -11.35 1.19
C ALA A 251 -12.31 -11.18 0.04
N TRP A 252 -13.52 -11.68 0.28
CA TRP A 252 -14.56 -11.61 -0.71
C TRP A 252 -14.93 -10.16 -1.02
N LEU A 253 -14.89 -9.23 -0.03
CA LEU A 253 -15.18 -7.80 -0.37
C LEU A 253 -14.08 -7.17 -1.26
N THR A 254 -12.83 -7.47 -0.88
CA THR A 254 -11.65 -7.03 -1.56
C THR A 254 -11.59 -7.68 -2.97
N LEU A 255 -12.01 -8.94 -3.16
CA LEU A 255 -12.16 -9.47 -4.55
C LEU A 255 -13.21 -8.68 -5.37
N ARG A 256 -14.32 -8.37 -4.72
CA ARG A 256 -15.36 -7.51 -5.27
C ARG A 256 -14.78 -6.14 -5.63
N GLY A 257 -14.00 -5.59 -4.68
CA GLY A 257 -13.52 -4.24 -4.83
C GLY A 257 -12.59 -4.17 -5.98
N VAL A 258 -11.78 -5.21 -6.14
CA VAL A 258 -10.69 -5.19 -7.13
C VAL A 258 -11.09 -5.38 -8.61
N LYS A 259 -12.29 -5.91 -8.87
CA LYS A 259 -12.86 -6.00 -10.21
C LYS A 259 -12.80 -4.67 -10.94
N THR A 260 -13.01 -3.59 -10.20
CA THR A 260 -13.11 -2.25 -10.81
C THR A 260 -11.80 -1.47 -10.65
N LEU A 261 -10.67 -2.15 -10.43
CA LEU A 261 -9.45 -1.48 -10.08
C LEU A 261 -8.95 -0.62 -11.25
N GLY A 262 -8.88 -1.23 -12.44
CA GLY A 262 -8.42 -0.58 -13.65
C GLY A 262 -9.17 0.71 -13.90
N ILE A 263 -10.50 0.63 -13.94
CA ILE A 263 -11.31 1.82 -14.20
C ILE A 263 -11.38 2.86 -13.08
N ARG A 264 -11.27 2.42 -11.82
CA ARG A 264 -11.23 3.31 -10.68
C ARG A 264 -9.86 4.02 -10.69
N MET A 265 -8.75 3.28 -10.75
CA MET A 265 -7.44 3.94 -10.99
C MET A 265 -7.49 4.97 -12.16
N GLU A 266 -8.06 4.63 -13.31
CA GLU A 266 -8.06 5.57 -14.44
C GLU A 266 -8.77 6.86 -14.02
N ARG A 267 -9.88 6.72 -13.33
CA ARG A 267 -10.65 7.87 -12.94
C ARG A 267 -10.10 8.68 -11.77
N HIS A 268 -9.52 8.00 -10.80
CA HIS A 268 -8.79 8.60 -9.75
C HIS A 268 -7.67 9.44 -10.27
N CYS A 269 -6.96 8.93 -11.22
CA CYS A 269 -5.76 9.57 -11.70
C CYS A 269 -6.06 10.70 -12.70
N GLU A 270 -7.07 10.56 -13.52
CA GLU A 270 -7.50 11.60 -14.44
C GLU A 270 -8.13 12.75 -13.62
N ASN A 271 -8.92 12.42 -12.61
CA ASN A 271 -9.46 13.44 -11.70
C ASN A 271 -8.38 14.21 -10.96
N ALA A 272 -7.42 13.48 -10.41
CA ALA A 272 -6.35 14.07 -9.62
C ALA A 272 -5.46 14.93 -10.47
N LEU A 273 -5.22 14.53 -11.71
CA LEU A 273 -4.36 15.34 -12.57
C LEU A 273 -4.96 16.75 -12.70
N LYS A 274 -6.27 16.82 -12.93
CA LYS A 274 -7.02 18.06 -13.16
C LYS A 274 -6.97 18.92 -11.91
N ILE A 275 -7.29 18.29 -10.79
CA ILE A 275 -7.27 18.97 -9.54
C ILE A 275 -5.86 19.51 -9.23
N ALA A 276 -4.83 18.71 -9.45
CA ALA A 276 -3.46 19.14 -9.23
C ALA A 276 -3.11 20.39 -10.08
N ARG A 277 -3.56 20.40 -11.34
CA ARG A 277 -3.24 21.51 -12.26
C ARG A 277 -3.96 22.74 -11.85
N PHE A 278 -5.10 22.57 -11.19
CA PHE A 278 -5.87 23.69 -10.72
C PHE A 278 -5.14 24.23 -9.52
N LEU A 279 -4.68 23.33 -8.66
CA LEU A 279 -4.00 23.71 -7.44
C LEU A 279 -2.72 24.48 -7.77
N GLU A 280 -2.01 24.01 -8.80
CA GLU A 280 -0.81 24.68 -9.27
C GLU A 280 -1.07 26.16 -9.65
N GLY A 281 -2.21 26.42 -10.27
CA GLY A 281 -2.47 27.75 -10.83
C GLY A 281 -3.08 28.66 -9.79
N HIS A 282 -3.21 28.18 -8.57
CA HIS A 282 -3.89 28.95 -7.58
C HIS A 282 -2.95 29.77 -6.75
N PRO A 283 -3.13 31.11 -6.79
CA PRO A 283 -2.26 32.08 -6.11
C PRO A 283 -2.14 31.89 -4.60
N SER A 284 -3.09 31.22 -3.97
CA SER A 284 -3.05 30.99 -2.51
C SER A 284 -2.47 29.65 -2.10
N ILE A 285 -2.11 28.84 -3.09
CA ILE A 285 -1.42 27.58 -2.88
C ILE A 285 0.05 27.81 -3.19
N THR A 286 0.92 27.63 -2.20
CA THR A 286 2.36 27.86 -2.38
C THR A 286 3.11 26.74 -3.09
N ARG A 287 2.76 25.49 -2.79
CA ARG A 287 3.41 24.29 -3.33
C ARG A 287 2.38 23.22 -3.54
N VAL A 288 2.58 22.44 -4.62
CA VAL A 288 1.75 21.28 -4.93
C VAL A 288 2.64 20.08 -5.18
N TYR A 289 2.35 18.98 -4.51
CA TYR A 289 3.16 17.76 -4.70
C TYR A 289 2.37 16.76 -5.47
N TYR A 290 2.77 16.55 -6.72
CA TYR A 290 2.05 15.60 -7.56
C TYR A 290 2.87 15.09 -8.74
N PRO A 291 3.19 13.78 -8.74
CA PRO A 291 4.05 13.08 -9.70
C PRO A 291 3.74 13.35 -11.17
N GLY A 292 2.56 13.90 -11.44
CA GLY A 292 2.11 14.18 -12.80
C GLY A 292 2.35 15.63 -13.17
N LEU A 293 2.71 16.48 -12.21
CA LEU A 293 3.11 17.84 -12.54
C LEU A 293 4.56 17.85 -13.05
N SER A 294 4.81 18.54 -14.17
CA SER A 294 6.17 18.61 -14.70
C SER A 294 7.19 19.17 -13.70
N SER A 295 6.76 20.01 -12.77
CA SER A 295 7.64 20.60 -11.75
C SER A 295 8.03 19.61 -10.66
N HIS A 296 7.62 18.36 -10.80
CA HIS A 296 7.98 17.38 -9.80
C HIS A 296 9.41 17.01 -10.02
N PRO A 297 10.21 16.98 -8.94
CA PRO A 297 11.68 16.84 -9.02
C PRO A 297 12.13 15.51 -9.59
N GLN A 298 11.24 14.51 -9.57
CA GLN A 298 11.57 13.18 -10.01
C GLN A 298 10.62 12.79 -11.11
N TYR A 299 10.11 13.83 -11.79
CA TYR A 299 9.09 13.68 -12.82
C TYR A 299 9.44 12.57 -13.85
N GLU A 300 10.69 12.56 -14.31
CA GLU A 300 11.11 11.59 -15.30
C GLU A 300 11.15 10.17 -14.74
N LEU A 301 11.74 10.01 -13.56
CA LEU A 301 11.67 8.76 -12.79
C LEU A 301 10.23 8.29 -12.73
N GLY A 302 9.38 9.12 -12.14
CA GLY A 302 7.94 8.89 -12.20
C GLY A 302 7.40 8.46 -13.56
N GLN A 303 7.82 9.11 -14.63
CA GLN A 303 7.32 8.73 -15.95
C GLN A 303 7.75 7.32 -16.38
N ARG A 304 8.79 6.77 -15.75
CA ARG A 304 9.31 5.50 -16.21
C ARG A 304 8.84 4.33 -15.38
N GLN A 305 8.65 4.54 -14.08
CA GLN A 305 8.28 3.41 -13.26
C GLN A 305 6.77 3.34 -12.90
N MET A 306 5.99 4.37 -13.26
CA MET A 306 4.54 4.45 -13.03
C MET A 306 3.77 4.62 -14.36
N SER A 307 2.73 3.83 -14.58
CA SER A 307 1.86 3.99 -15.77
C SER A 307 0.99 5.23 -15.66
N LEU A 308 0.79 5.70 -14.43
CA LEU A 308 -0.11 6.77 -14.08
C LEU A 308 0.46 7.46 -12.83
N PRO A 309 0.26 8.78 -12.69
CA PRO A 309 0.78 9.51 -11.53
C PRO A 309 0.00 9.36 -10.20
N GLY A 310 -1.16 8.69 -10.19
CA GLY A 310 -1.82 8.33 -8.91
C GLY A 310 -2.91 9.27 -8.42
N GLY A 311 -3.57 8.92 -7.32
CA GLY A 311 -4.77 9.63 -6.93
C GLY A 311 -4.58 10.55 -5.73
N ILE A 312 -3.32 10.75 -5.34
CA ILE A 312 -2.96 11.45 -4.12
C ILE A 312 -2.30 12.74 -4.47
N ILE A 313 -2.75 13.82 -3.84
CA ILE A 313 -2.09 15.11 -3.98
C ILE A 313 -1.81 15.67 -2.59
N SER A 314 -0.58 16.15 -2.38
CA SER A 314 -0.29 17.00 -1.25
C SER A 314 -0.11 18.42 -1.74
N PHE A 315 -0.39 19.38 -0.88
CA PHE A 315 -0.19 20.77 -1.19
C PHE A 315 -0.14 21.61 0.05
N GLU A 316 0.46 22.78 -0.06
CA GLU A 316 0.62 23.68 1.07
C GLU A 316 -0.19 24.88 0.76
N ILE A 317 -0.86 25.39 1.78
CA ILE A 317 -1.65 26.59 1.64
C ILE A 317 -0.99 27.83 2.26
N ALA A 318 -1.07 28.94 1.53
CA ALA A 318 -0.80 30.27 2.07
C ALA A 318 -1.22 30.47 3.54
N GLY A 319 -0.25 30.56 4.44
CA GLY A 319 -0.56 31.00 5.79
C GLY A 319 -0.46 29.93 6.86
N GLY A 320 -0.03 28.74 6.45
CA GLY A 320 0.40 27.71 7.39
C GLY A 320 -0.73 27.06 8.15
N LEU A 321 -0.42 26.60 9.37
CA LEU A 321 -1.31 25.90 10.28
C LEU A 321 -2.75 26.43 10.28
N GLU A 322 -2.93 27.70 10.69
CA GLU A 322 -4.23 28.36 10.75
C GLU A 322 -4.99 28.45 9.46
N ALA A 323 -4.33 28.74 8.35
CA ALA A 323 -5.04 28.73 7.08
C ALA A 323 -5.46 27.31 6.72
N GLY A 324 -4.58 26.33 6.92
CA GLY A 324 -4.89 24.94 6.62
C GLY A 324 -6.08 24.40 7.44
N ARG A 325 -6.14 24.80 8.71
CA ARG A 325 -7.23 24.46 9.62
C ARG A 325 -8.54 24.99 9.08
N ARG A 326 -8.51 26.24 8.64
CA ARG A 326 -9.72 26.95 8.19
C ARG A 326 -10.27 26.28 6.94
N MET A 327 -9.34 26.01 6.01
CA MET A 327 -9.61 25.39 4.72
C MET A 327 -10.23 24.01 4.89
N ILE A 328 -9.61 23.20 5.74
CA ILE A 328 -10.06 21.84 6.03
C ILE A 328 -11.40 21.79 6.77
N ASN A 329 -11.80 22.90 7.39
CA ASN A 329 -13.06 23.05 8.15
C ASN A 329 -14.11 23.64 7.27
N SER A 330 -13.68 24.16 6.13
CA SER A 330 -14.55 24.80 5.20
C SER A 330 -14.92 23.98 3.97
N VAL A 331 -14.35 22.78 3.80
CA VAL A 331 -14.75 21.93 2.66
C VAL A 331 -16.13 21.35 2.91
N GLU A 332 -16.91 21.19 1.85
CA GLU A 332 -18.29 20.76 1.91
C GLU A 332 -18.55 19.41 1.25
N LEU A 333 -17.64 19.02 0.34
CA LEU A 333 -17.79 17.83 -0.51
C LEU A 333 -16.77 16.81 -0.04
N CYS A 334 -15.50 17.21 -0.05
CA CYS A 334 -14.36 16.52 0.55
C CYS A 334 -14.65 16.22 1.99
N LEU A 335 -14.30 15.00 2.37
CA LEU A 335 -14.57 14.55 3.73
C LEU A 335 -13.29 14.53 4.57
N LEU A 336 -13.42 15.01 5.80
CA LEU A 336 -12.31 15.08 6.71
C LEU A 336 -12.09 13.75 7.46
N ALA A 337 -11.11 12.99 7.01
CA ALA A 337 -10.89 11.63 7.46
C ALA A 337 -9.54 11.17 7.03
N VAL A 338 -8.99 10.16 7.67
CA VAL A 338 -7.75 9.54 7.21
C VAL A 338 -8.01 8.39 6.24
N SER A 339 -7.04 7.58 5.98
CA SER A 339 -7.18 6.64 4.90
C SER A 339 -7.31 7.40 3.59
N LEU A 340 -7.27 6.66 2.50
CA LEU A 340 -7.19 7.19 1.15
C LEU A 340 -7.60 6.04 0.24
N GLY A 341 -8.05 6.35 -0.96
CA GLY A 341 -8.22 5.34 -1.99
C GLY A 341 -9.62 4.79 -2.01
N ASP A 342 -10.52 5.49 -1.33
CA ASP A 342 -11.93 5.17 -1.38
C ASP A 342 -12.54 5.93 -2.57
N THR A 343 -13.81 5.70 -2.86
CA THR A 343 -14.48 6.36 -3.93
C THR A 343 -14.90 7.79 -3.59
N GLU A 344 -14.88 8.15 -2.30
CA GLU A 344 -15.14 9.55 -1.91
C GLU A 344 -13.82 10.29 -1.79
N THR A 345 -13.84 11.57 -2.15
CA THR A 345 -12.69 12.44 -1.93
C THR A 345 -12.52 12.73 -0.44
N LEU A 346 -11.33 12.41 0.07
CA LEU A 346 -10.88 12.58 1.45
C LEU A 346 -9.70 13.56 1.50
N ILE A 347 -9.69 14.31 2.60
CA ILE A 347 -8.76 15.38 2.86
C ILE A 347 -8.29 15.31 4.32
N GLN A 348 -6.99 15.41 4.53
CA GLN A 348 -6.39 15.43 5.86
C GLN A 348 -5.36 16.56 6.02
N HIS A 349 -5.31 17.13 7.22
CA HIS A 349 -4.39 18.26 7.51
C HIS A 349 -3.41 17.91 8.59
N PRO A 350 -2.43 17.00 8.30
CA PRO A 350 -1.64 16.47 9.42
C PRO A 350 -1.03 17.55 10.36
N ALA A 351 -1.23 18.84 10.08
CA ALA A 351 -0.71 19.90 10.95
C ALA A 351 -1.68 20.30 12.09
N SER A 352 -2.85 20.89 11.76
CA SER A 352 -3.92 21.19 12.76
C SER A 352 -4.48 19.92 13.40
N MET A 353 -4.12 18.78 12.83
CA MET A 353 -4.75 17.51 13.13
C MET A 353 -3.78 16.45 13.67
N THR A 354 -3.47 15.46 12.84
CA THR A 354 -2.83 14.24 13.31
C THR A 354 -1.55 14.55 14.06
N HIS A 355 -0.95 15.71 13.81
CA HIS A 355 0.29 16.10 14.49
C HIS A 355 0.26 17.45 15.21
N SER A 356 -0.89 17.82 15.80
CA SER A 356 -1.05 19.14 16.47
C SER A 356 -0.37 19.28 17.88
N PRO A 357 -0.81 18.49 18.88
CA PRO A 357 0.11 18.38 20.04
C PRO A 357 1.33 17.44 19.83
N VAL A 358 1.88 17.40 18.61
CA VAL A 358 3.24 16.86 18.31
C VAL A 358 4.12 18.09 18.02
N ALA A 359 4.97 18.43 18.99
CA ALA A 359 5.74 19.69 19.01
C ALA A 359 6.29 20.10 17.63
N PRO A 360 6.14 21.40 17.27
CA PRO A 360 6.51 21.93 15.95
C PRO A 360 7.83 21.42 15.36
N GLU A 361 8.81 21.08 16.22
CA GLU A 361 10.16 20.67 15.78
C GLU A 361 10.30 19.20 15.36
N GLU A 362 9.57 18.30 16.02
CA GLU A 362 9.44 16.92 15.56
C GLU A 362 9.01 16.98 14.09
N ARG A 363 7.88 17.66 13.90
CA ARG A 363 7.15 17.80 12.61
C ARG A 363 7.97 18.12 11.35
N LEU A 364 8.64 19.28 11.37
CA LEU A 364 9.35 19.83 10.21
C LEU A 364 10.46 18.92 9.71
N LYS A 365 11.30 18.43 10.64
CA LYS A 365 12.31 17.38 10.38
C LYS A 365 11.70 16.25 9.54
N ALA A 366 10.52 15.84 9.97
CA ALA A 366 9.78 14.76 9.38
C ALA A 366 8.88 15.27 8.24
N GLY A 367 9.44 16.02 7.29
CA GLY A 367 8.75 16.40 6.03
C GLY A 367 7.40 17.13 6.04
N ILE A 368 6.86 17.39 7.22
CA ILE A 368 5.53 17.96 7.30
C ILE A 368 5.58 19.44 7.48
N THR A 369 4.83 20.16 6.69
CA THR A 369 4.71 21.56 6.99
C THR A 369 3.39 21.93 7.66
N ASP A 370 3.39 23.11 8.26
CA ASP A 370 2.23 23.69 8.89
C ASP A 370 1.05 23.87 7.93
N GLY A 371 1.35 24.08 6.65
CA GLY A 371 0.29 24.33 5.71
C GLY A 371 -0.04 23.09 4.92
N LEU A 372 0.59 21.94 5.24
CA LEU A 372 0.46 20.76 4.37
C LEU A 372 -0.90 20.04 4.47
N ILE A 373 -1.55 19.91 3.33
CA ILE A 373 -2.80 19.18 3.24
C ILE A 373 -2.64 18.05 2.26
N ARG A 374 -3.16 16.88 2.66
CA ARG A 374 -3.18 15.72 1.79
C ARG A 374 -4.59 15.45 1.31
N LEU A 375 -4.74 15.35 -0.01
CA LEU A 375 -5.99 15.00 -0.66
C LEU A 375 -5.93 13.58 -1.28
N SER A 376 -6.90 12.74 -0.89
CA SER A 376 -7.25 11.53 -1.61
C SER A 376 -8.47 11.80 -2.47
N VAL A 377 -8.24 11.73 -3.77
CA VAL A 377 -9.16 12.14 -4.79
C VAL A 377 -9.98 10.94 -5.19
N GLY A 378 -11.30 11.12 -4.99
CA GLY A 378 -12.30 10.08 -5.21
C GLY A 378 -12.90 10.24 -6.59
N LEU A 379 -14.12 9.73 -6.77
CA LEU A 379 -14.65 9.51 -8.12
C LEU A 379 -15.69 10.53 -8.51
N GLU A 380 -15.90 11.53 -7.65
CA GLU A 380 -16.74 12.68 -7.93
C GLU A 380 -16.33 13.32 -9.24
N ASP A 381 -17.22 14.18 -9.77
CA ASP A 381 -16.86 15.03 -10.91
C ASP A 381 -15.73 15.96 -10.47
N PRO A 382 -14.60 16.03 -11.21
CA PRO A 382 -13.54 16.92 -10.79
C PRO A 382 -14.00 18.36 -10.59
N GLU A 383 -14.85 18.86 -11.48
CA GLU A 383 -15.39 20.22 -11.31
C GLU A 383 -16.01 20.45 -9.96
N ASP A 384 -16.63 19.41 -9.40
CA ASP A 384 -17.35 19.60 -8.16
C ASP A 384 -16.32 19.66 -7.05
N ILE A 385 -15.30 18.84 -7.19
CA ILE A 385 -14.24 18.82 -6.17
C ILE A 385 -13.48 20.13 -6.22
N ILE A 386 -13.25 20.60 -7.43
CA ILE A 386 -12.45 21.79 -7.64
C ILE A 386 -13.15 23.00 -7.05
N ASN A 387 -14.46 23.07 -7.26
CA ASN A 387 -15.25 24.19 -6.77
C ASN A 387 -15.39 24.21 -5.29
N ASP A 388 -15.41 23.01 -4.72
CA ASP A 388 -15.42 22.85 -3.26
C ASP A 388 -14.07 23.29 -2.70
N LEU A 389 -12.98 22.79 -3.30
CA LEU A 389 -11.62 23.24 -2.96
C LEU A 389 -11.46 24.75 -3.07
N GLU A 390 -11.83 25.30 -4.23
CA GLU A 390 -11.82 26.72 -4.53
C GLU A 390 -12.55 27.55 -3.48
N HIS A 391 -13.71 27.08 -3.08
CA HIS A 391 -14.51 27.78 -2.12
C HIS A 391 -13.80 27.82 -0.80
N ALA A 392 -13.37 26.66 -0.35
CA ALA A 392 -12.76 26.54 0.97
C ALA A 392 -11.38 27.21 1.06
N ILE A 393 -10.61 27.13 -0.02
CA ILE A 393 -9.32 27.81 -0.05
C ILE A 393 -9.58 29.30 0.07
N ARG A 394 -10.50 29.79 -0.76
CA ARG A 394 -10.90 31.17 -0.79
C ARG A 394 -11.36 31.56 0.60
N LYS A 395 -12.19 30.74 1.22
CA LYS A 395 -12.62 30.98 2.59
C LYS A 395 -11.42 31.26 3.47
N ALA A 396 -10.40 30.40 3.35
CA ALA A 396 -9.33 30.30 4.35
C ALA A 396 -8.16 31.30 4.25
N THR A 397 -8.09 32.06 3.16
CA THR A 397 -7.00 33.01 2.93
C THR A 397 -7.53 34.40 2.55
#